data_2F7C
#
_entry.id   2F7C
#
_cell.length_a   65.568
_cell.length_b   73.108
_cell.length_c   102.627
_cell.angle_alpha   90.00
_cell.angle_beta   90.00
_cell.angle_gamma   90.00
#
_symmetry.space_group_name_H-M   'I 2 2 2'
#
loop_
_entity.id
_entity.type
_entity.pdbx_description
1 polymer 'HTH-type transcriptional regulator catM'
2 non-polymer 'SULFATE ION'
3 non-polymer '(2Z,4Z)-HEXA-2,4-DIENEDIOIC ACID'
4 water water
#
_entity_poly.entity_id   1
_entity_poly.type   'polypeptide(L)'
_entity_poly.pdbx_seq_one_letter_code
;MAKRIATVSQTLRIGYVSSLLYGLLPEIIYLFRQQNPEIHIELIECGTKDQINALKQGKIDLGFGRLKITDPAIRRIVLH
KEQLKLAIHKHHHPNQFAATGVHLSQIIDEPMLLYPVSQKPNFATFIQSLFTELGLVPSKLTEIREIQLALGLVAAGEGV
CIVPASAMDIGVKNLLYIPILDDDAYSPISLAVRNMDHSNYIPKILACVQEVFATHHIRPLIESILEHHHHHH
;
_entity_poly.pdbx_strand_id   A
#
# COMPACT_ATOMS: atom_id res chain seq x y z
N SER A 9 -2.25 -2.96 -30.83
CA SER A 9 -2.78 -4.27 -30.39
C SER A 9 -2.08 -4.85 -29.14
N GLN A 10 -1.15 -4.10 -28.55
CA GLN A 10 -0.42 -4.55 -27.36
C GLN A 10 -1.16 -4.15 -26.09
N THR A 11 -1.37 -5.11 -25.19
CA THR A 11 -2.13 -4.87 -23.96
C THR A 11 -1.29 -5.16 -22.71
N LEU A 12 -1.04 -4.10 -21.95
CA LEU A 12 -0.27 -4.17 -20.70
C LEU A 12 -1.22 -4.28 -19.52
N ARG A 13 -1.17 -5.39 -18.82
CA ARG A 13 -2.05 -5.65 -17.69
C ARG A 13 -1.30 -5.38 -16.38
N ILE A 14 -1.84 -4.44 -15.60
CA ILE A 14 -1.16 -3.98 -14.40
C ILE A 14 -2.00 -4.25 -13.17
N GLY A 15 -1.48 -5.10 -12.30
CA GLY A 15 -2.08 -5.36 -11.00
C GLY A 15 -1.72 -4.29 -9.99
N TYR A 16 -2.67 -3.91 -9.16
CA TYR A 16 -2.45 -2.89 -8.14
C TYR A 16 -3.32 -3.15 -6.91
N VAL A 17 -2.87 -2.66 -5.76
CA VAL A 17 -3.68 -2.62 -4.56
C VAL A 17 -4.31 -1.23 -4.41
N SER A 18 -5.52 -1.24 -3.85
CA SER A 18 -6.42 -0.08 -3.80
C SER A 18 -5.80 1.21 -3.27
N SER A 19 -5.09 1.14 -2.16
CA SER A 19 -4.45 2.31 -1.56
C SER A 19 -3.53 3.09 -2.51
N LEU A 20 -2.98 2.39 -3.50
CA LEU A 20 -2.09 3.04 -4.47
C LEU A 20 -2.80 4.07 -5.36
N LEU A 21 -4.13 4.02 -5.41
CA LEU A 21 -4.92 5.00 -6.17
C LEU A 21 -4.85 6.40 -5.58
N TYR A 22 -4.49 6.49 -4.30
CA TYR A 22 -4.41 7.78 -3.62
C TYR A 22 -2.99 8.31 -3.59
N GLY A 23 -2.07 7.58 -4.20
CA GLY A 23 -0.67 7.97 -4.25
C GLY A 23 -0.30 8.41 -5.65
N LEU A 24 0.91 8.04 -6.06
CA LEU A 24 1.49 8.51 -7.31
C LEU A 24 1.28 7.55 -8.46
N LEU A 25 0.67 6.38 -8.22
CA LEU A 25 0.53 5.39 -9.28
C LEU A 25 -0.32 5.90 -10.46
N PRO A 26 -1.51 6.48 -10.22
CA PRO A 26 -2.26 7.05 -11.33
C PRO A 26 -1.48 8.00 -12.24
N GLU A 27 -0.63 8.84 -11.64
CA GLU A 27 0.27 9.75 -12.38
C GLU A 27 1.29 9.01 -13.22
N ILE A 28 1.81 7.92 -12.66
CA ILE A 28 2.78 7.06 -13.33
C ILE A 28 2.14 6.42 -14.57
N ILE A 29 0.92 5.90 -14.40
CA ILE A 29 0.19 5.29 -15.51
C ILE A 29 -0.17 6.37 -16.56
N TYR A 30 -0.60 7.54 -16.09
CA TYR A 30 -0.95 8.63 -17.00
C TYR A 30 0.24 9.03 -17.87
N LEU A 31 1.41 9.17 -17.26
CA LEU A 31 2.64 9.52 -17.97
C LEU A 31 3.00 8.43 -18.98
N PHE A 32 2.91 7.18 -18.57
CA PHE A 32 3.19 6.05 -19.45
C PHE A 32 2.25 6.04 -20.67
N ARG A 33 0.97 6.29 -20.42
CA ARG A 33 -0.02 6.38 -21.48
C ARG A 33 0.28 7.51 -22.48
N GLN A 34 0.74 8.66 -21.96
CA GLN A 34 1.11 9.80 -22.83
C GLN A 34 2.29 9.43 -23.71
N GLN A 35 3.29 8.79 -23.10
CA GLN A 35 4.51 8.44 -23.80
C GLN A 35 4.32 7.24 -24.73
N ASN A 36 3.33 6.41 -24.45
CA ASN A 36 3.12 5.17 -25.20
C ASN A 36 1.63 5.01 -25.54
N PRO A 37 1.10 5.90 -26.39
CA PRO A 37 -0.35 5.89 -26.67
C PRO A 37 -0.83 4.66 -27.44
N GLU A 38 0.09 3.92 -28.04
CA GLU A 38 -0.22 2.69 -28.76
C GLU A 38 -0.54 1.53 -27.80
N ILE A 39 -0.02 1.60 -26.58
CA ILE A 39 -0.18 0.52 -25.62
C ILE A 39 -1.51 0.63 -24.86
N HIS A 40 -2.32 -0.41 -24.96
CA HIS A 40 -3.57 -0.49 -24.22
C HIS A 40 -3.29 -1.00 -22.81
N ILE A 41 -3.72 -0.24 -21.81
CA ILE A 41 -3.47 -0.60 -20.42
C ILE A 41 -4.76 -1.05 -19.74
N GLU A 42 -4.66 -2.16 -19.02
CA GLU A 42 -5.74 -2.65 -18.16
C GLU A 42 -5.27 -2.62 -16.72
N LEU A 43 -5.93 -1.81 -15.90
CA LEU A 43 -5.66 -1.74 -14.48
C LEU A 43 -6.50 -2.77 -13.74
N ILE A 44 -5.85 -3.70 -13.07
CA ILE A 44 -6.54 -4.82 -12.45
C ILE A 44 -6.28 -4.85 -10.94
N GLU A 45 -7.38 -4.85 -10.20
CA GLU A 45 -7.38 -4.88 -8.75
C GLU A 45 -6.88 -6.25 -8.29
N CYS A 46 -5.73 -6.27 -7.62
CA CYS A 46 -5.05 -7.54 -7.30
C CYS A 46 -4.09 -7.36 -6.12
N GLY A 47 -4.23 -8.22 -5.11
CA GLY A 47 -3.38 -8.18 -3.93
C GLY A 47 -1.96 -8.64 -4.21
N THR A 48 -1.02 -8.23 -3.38
CA THR A 48 0.39 -8.56 -3.58
C THR A 48 0.62 -10.07 -3.70
N LYS A 49 -0.05 -10.86 -2.87
CA LYS A 49 0.07 -12.32 -2.90
C LYS A 49 -0.51 -12.88 -4.20
N ASP A 50 -1.76 -12.51 -4.47
CA ASP A 50 -2.44 -12.92 -5.70
C ASP A 50 -1.72 -12.48 -6.98
N GLN A 51 -0.92 -11.42 -6.88
CA GLN A 51 -0.12 -10.97 -8.03
C GLN A 51 0.96 -11.97 -8.42
N ILE A 52 1.44 -12.76 -7.47
CA ILE A 52 2.49 -13.74 -7.74
C ILE A 52 2.01 -14.73 -8.79
N ASN A 53 0.89 -15.40 -8.51
CA ASN A 53 0.31 -16.35 -9.47
C ASN A 53 -0.16 -15.66 -10.74
N ALA A 54 -0.72 -14.46 -10.60
CA ALA A 54 -1.20 -13.72 -11.75
C ALA A 54 -0.05 -13.42 -12.72
N LEU A 55 1.11 -13.05 -12.17
CA LEU A 55 2.31 -12.83 -12.98
C LEU A 55 2.84 -14.11 -13.61
N LYS A 56 2.87 -15.18 -12.82
CA LYS A 56 3.35 -16.48 -13.30
C LYS A 56 2.52 -17.04 -14.46
N GLN A 57 1.22 -16.79 -14.41
CA GLN A 57 0.28 -17.31 -15.41
C GLN A 57 0.06 -16.37 -16.60
N GLY A 58 0.75 -15.23 -16.61
CA GLY A 58 0.60 -14.25 -17.71
C GLY A 58 -0.69 -13.43 -17.68
N LYS A 59 -1.43 -13.51 -16.57
CA LYS A 59 -2.68 -12.75 -16.41
C LYS A 59 -2.44 -11.28 -16.09
N ILE A 60 -1.27 -10.98 -15.52
CA ILE A 60 -0.78 -9.61 -15.43
C ILE A 60 0.70 -9.61 -15.79
N ASP A 61 1.19 -8.42 -16.12
CA ASP A 61 2.57 -8.22 -16.54
C ASP A 61 3.38 -7.44 -15.50
N LEU A 62 2.71 -6.50 -14.83
CA LEU A 62 3.31 -5.69 -13.78
C LEU A 62 2.41 -5.79 -12.57
N GLY A 63 3.00 -5.84 -11.37
CA GLY A 63 2.22 -5.93 -10.13
C GLY A 63 2.74 -4.93 -9.12
N PHE A 64 1.90 -3.95 -8.80
CA PHE A 64 2.25 -2.95 -7.80
C PHE A 64 1.64 -3.37 -6.47
N GLY A 65 2.52 -3.72 -5.53
CA GLY A 65 2.11 -4.32 -4.26
C GLY A 65 2.80 -3.68 -3.08
N ARG A 66 2.46 -4.15 -1.88
CA ARG A 66 2.96 -3.54 -0.64
C ARG A 66 3.48 -4.55 0.38
N LEU A 67 3.82 -5.76 -0.06
CA LEU A 67 4.39 -6.79 0.83
C LEU A 67 5.62 -7.41 0.18
N LYS A 68 6.58 -7.81 1.01
CA LYS A 68 7.76 -8.54 0.54
C LYS A 68 7.44 -10.02 0.39
N ILE A 69 6.66 -10.35 -0.64
CA ILE A 69 6.30 -11.72 -0.93
C ILE A 69 7.27 -12.19 -2.02
N THR A 70 8.31 -12.90 -1.61
CA THR A 70 9.36 -13.32 -2.54
C THR A 70 9.02 -14.62 -3.25
N ASP A 71 9.55 -14.75 -4.46
CA ASP A 71 9.39 -15.96 -5.25
C ASP A 71 10.49 -16.00 -6.30
N PRO A 72 11.21 -17.12 -6.42
CA PRO A 72 12.33 -17.20 -7.36
C PRO A 72 11.98 -16.79 -8.81
N ALA A 73 10.74 -17.04 -9.21
CA ALA A 73 10.29 -16.72 -10.56
C ALA A 73 9.89 -15.25 -10.71
N ILE A 74 9.85 -14.51 -9.60
CA ILE A 74 9.41 -13.13 -9.59
C ILE A 74 10.53 -12.18 -9.12
N ARG A 75 10.70 -11.08 -9.83
CA ARG A 75 11.61 -10.02 -9.40
C ARG A 75 10.82 -8.89 -8.77
N ARG A 76 11.20 -8.53 -7.54
CA ARG A 76 10.57 -7.42 -6.80
C ARG A 76 11.48 -6.19 -6.87
N ILE A 77 10.91 -5.06 -7.29
CA ILE A 77 11.65 -3.81 -7.41
C ILE A 77 11.02 -2.83 -6.41
N VAL A 78 11.75 -2.54 -5.34
CA VAL A 78 11.22 -1.72 -4.24
C VAL A 78 11.37 -0.25 -4.62
N LEU A 79 10.22 0.43 -4.73
CA LEU A 79 10.19 1.80 -5.21
C LEU A 79 10.25 2.81 -4.09
N HIS A 80 9.45 2.60 -3.05
CA HIS A 80 9.28 3.62 -2.02
C HIS A 80 8.88 3.02 -0.69
N LYS A 81 9.44 3.58 0.38
CA LYS A 81 9.12 3.20 1.75
C LYS A 81 8.16 4.24 2.30
N GLU A 82 6.88 3.92 2.38
CA GLU A 82 5.88 4.87 2.85
C GLU A 82 5.61 4.69 4.34
N GLN A 83 5.59 5.80 5.08
CA GLN A 83 5.40 5.72 6.53
C GLN A 83 3.92 5.46 6.86
N LEU A 84 3.68 4.83 8.00
CA LEU A 84 2.35 4.42 8.40
C LEU A 84 1.77 5.43 9.36
N LYS A 85 0.44 5.51 9.36
CA LYS A 85 -0.31 6.45 10.21
C LYS A 85 -1.43 5.71 10.92
N LEU A 86 -1.72 6.13 12.14
CA LEU A 86 -2.91 5.62 12.81
C LEU A 86 -4.07 6.59 12.54
N ALA A 87 -5.07 6.07 11.83
CA ALA A 87 -6.29 6.79 11.57
C ALA A 87 -7.20 6.66 12.80
N ILE A 88 -7.60 7.81 13.35
CA ILE A 88 -8.53 7.83 14.47
C ILE A 88 -9.61 8.87 14.23
N HIS A 89 -10.73 8.71 14.92
CA HIS A 89 -11.73 9.75 14.96
C HIS A 89 -11.14 10.89 15.77
N LYS A 90 -11.30 12.12 15.30
CA LYS A 90 -10.63 13.26 15.89
C LYS A 90 -10.98 13.54 17.36
N HIS A 91 -12.03 12.94 17.91
CA HIS A 91 -12.36 13.12 19.31
C HIS A 91 -11.99 11.92 20.19
N HIS A 92 -11.35 10.91 19.59
CA HIS A 92 -10.96 9.72 20.31
C HIS A 92 -9.61 9.87 21.03
N HIS A 93 -9.63 9.74 22.36
CA HIS A 93 -8.46 9.87 23.22
C HIS A 93 -7.63 11.13 22.94
N PRO A 94 -8.22 12.31 23.16
CA PRO A 94 -7.51 13.57 22.92
C PRO A 94 -6.19 13.67 23.68
N ASN A 95 -6.17 13.10 24.88
CA ASN A 95 -4.99 13.13 25.73
C ASN A 95 -4.04 11.95 25.51
N GLN A 96 -4.60 10.75 25.36
CA GLN A 96 -3.77 9.54 25.26
C GLN A 96 -3.05 9.41 23.91
N PHE A 97 -3.67 9.88 22.84
CA PHE A 97 -3.05 9.82 21.53
C PHE A 97 -2.61 11.21 21.09
N ALA A 98 -1.33 11.50 21.26
CA ALA A 98 -0.78 12.79 20.83
C ALA A 98 -0.67 12.87 19.29
N ALA A 99 -0.90 14.07 18.77
CA ALA A 99 -0.77 14.33 17.34
C ALA A 99 0.68 14.13 16.87
N THR A 100 1.64 14.25 17.80
CA THR A 100 3.07 13.95 17.57
C THR A 100 3.37 12.46 17.33
N GLY A 101 2.46 11.58 17.74
CA GLY A 101 2.59 10.17 17.44
C GLY A 101 2.32 9.24 18.61
N VAL A 102 2.08 7.98 18.28
CA VAL A 102 1.86 6.93 19.27
C VAL A 102 2.82 5.80 18.99
N HIS A 103 3.13 5.03 20.02
CA HIS A 103 3.75 3.73 19.86
C HIS A 103 2.65 2.71 19.81
N LEU A 104 2.91 1.59 19.15
CA LEU A 104 1.89 0.54 19.00
C LEU A 104 1.44 0.01 20.36
N SER A 105 2.33 0.08 21.34
CA SER A 105 2.01 -0.35 22.71
C SER A 105 0.85 0.45 23.33
N GLN A 106 0.66 1.69 22.86
CA GLN A 106 -0.41 2.55 23.36
C GLN A 106 -1.80 2.17 22.84
N ILE A 107 -1.87 1.46 21.73
CA ILE A 107 -3.16 1.20 21.09
C ILE A 107 -3.63 -0.26 21.12
N ILE A 108 -3.01 -1.08 21.97
CA ILE A 108 -3.33 -2.50 22.03
C ILE A 108 -4.76 -2.82 22.47
N ASP A 109 -5.36 -1.95 23.29
CA ASP A 109 -6.73 -2.21 23.77
C ASP A 109 -7.78 -1.41 22.99
N GLU A 110 -7.41 -0.93 21.81
CA GLU A 110 -8.32 -0.27 20.89
C GLU A 110 -8.86 -1.28 19.91
N PRO A 111 -10.20 -1.28 19.67
CA PRO A 111 -10.66 -2.02 18.51
C PRO A 111 -9.96 -1.56 17.21
N MET A 112 -9.26 -2.48 16.57
CA MET A 112 -8.47 -2.21 15.38
C MET A 112 -9.21 -2.72 14.15
N LEU A 113 -9.29 -1.90 13.12
CA LEU A 113 -9.78 -2.33 11.83
C LEU A 113 -8.59 -2.70 10.94
N LEU A 114 -8.58 -3.95 10.46
CA LEU A 114 -7.59 -4.40 9.50
C LEU A 114 -8.24 -4.44 8.13
N TYR A 115 -7.40 -4.44 7.10
CA TYR A 115 -7.86 -4.57 5.72
C TYR A 115 -6.71 -5.08 4.84
N PRO A 116 -7.02 -5.60 3.65
CA PRO A 116 -8.33 -5.90 3.13
C PRO A 116 -8.77 -7.31 3.52
N VAL A 117 -9.88 -7.77 2.98
CA VAL A 117 -10.28 -9.17 3.04
C VAL A 117 -9.82 -9.79 1.72
N SER A 118 -8.85 -10.69 1.80
CA SER A 118 -8.24 -11.29 0.63
C SER A 118 -7.39 -12.49 1.02
N GLN A 119 -6.87 -13.19 0.02
CA GLN A 119 -5.87 -14.22 0.22
C GLN A 119 -4.70 -13.63 1.02
N LYS A 120 -4.15 -14.44 1.91
CA LYS A 120 -3.04 -14.04 2.75
C LYS A 120 -1.76 -14.69 2.23
N PRO A 121 -0.58 -14.11 2.57
CA PRO A 121 -0.41 -12.87 3.36
C PRO A 121 -0.94 -11.62 2.66
N ASN A 122 -1.35 -10.65 3.46
CA ASN A 122 -1.88 -9.40 2.93
C ASN A 122 -1.64 -8.30 3.96
N PHE A 123 -2.18 -7.11 3.70
CA PHE A 123 -1.92 -5.96 4.57
C PHE A 123 -2.39 -6.20 6.02
N ALA A 124 -3.45 -7.00 6.19
CA ALA A 124 -3.97 -7.33 7.53
C ALA A 124 -2.94 -8.10 8.33
N THR A 125 -2.45 -9.20 7.74
CA THR A 125 -1.41 -10.00 8.37
C THR A 125 -0.12 -9.20 8.53
N PHE A 126 0.11 -8.23 7.66
CA PHE A 126 1.28 -7.37 7.79
C PHE A 126 1.14 -6.49 9.02
N ILE A 127 -0.02 -5.85 9.18
CA ILE A 127 -0.24 -4.97 10.31
C ILE A 127 -0.19 -5.77 11.62
N GLN A 128 -0.82 -6.94 11.64
CA GLN A 128 -0.72 -7.86 12.78
C GLN A 128 0.72 -8.12 13.20
N SER A 129 1.56 -8.48 12.24
CA SER A 129 2.96 -8.83 12.53
C SER A 129 3.76 -7.68 13.17
N LEU A 130 3.37 -6.43 12.88
CA LEU A 130 4.02 -5.28 13.52
C LEU A 130 3.81 -5.34 15.03
N PHE A 131 2.60 -5.68 15.46
CA PHE A 131 2.34 -5.86 16.88
C PHE A 131 3.11 -7.08 17.39
N THR A 132 2.97 -8.19 16.68
CA THR A 132 3.62 -9.45 17.06
C THR A 132 5.13 -9.31 17.27
N GLU A 133 5.83 -8.67 16.34
CA GLU A 133 7.29 -8.56 16.44
C GLU A 133 7.74 -7.67 17.61
N LEU A 134 6.80 -6.97 18.23
CA LEU A 134 7.07 -6.17 19.42
C LEU A 134 6.54 -6.85 20.68
N GLY A 135 5.97 -8.04 20.55
CA GLY A 135 5.42 -8.77 21.68
C GLY A 135 4.06 -8.23 22.11
N LEU A 136 3.39 -7.54 21.20
CA LEU A 136 2.10 -6.94 21.50
C LEU A 136 0.95 -7.72 20.85
N VAL A 137 -0.21 -7.68 21.50
CA VAL A 137 -1.42 -8.34 21.02
C VAL A 137 -2.59 -7.36 21.04
N PRO A 138 -3.06 -6.93 19.85
CA PRO A 138 -4.27 -6.12 19.77
C PRO A 138 -5.47 -6.83 20.39
N SER A 139 -6.27 -6.08 21.14
CA SER A 139 -7.39 -6.65 21.90
C SER A 139 -8.53 -7.13 21.00
N LYS A 140 -8.80 -6.35 19.96
CA LYS A 140 -9.82 -6.74 18.98
C LYS A 140 -9.35 -6.37 17.59
N LEU A 141 -9.50 -7.33 16.69
CA LEU A 141 -9.18 -7.14 15.28
C LEU A 141 -10.42 -7.49 14.49
N THR A 142 -10.76 -6.64 13.52
CA THR A 142 -11.82 -6.93 12.58
C THR A 142 -11.27 -6.63 11.19
N GLU A 143 -11.34 -7.61 10.31
CA GLU A 143 -10.90 -7.45 8.94
C GLU A 143 -12.03 -6.85 8.10
N ILE A 144 -11.70 -5.78 7.39
CA ILE A 144 -12.65 -5.00 6.59
C ILE A 144 -12.22 -5.15 5.12
N ARG A 145 -13.19 -5.09 4.20
CA ARG A 145 -12.95 -5.46 2.80
C ARG A 145 -11.88 -4.62 2.11
N GLU A 146 -11.94 -3.31 2.31
CA GLU A 146 -11.08 -2.39 1.58
C GLU A 146 -10.73 -1.22 2.48
N ILE A 147 -9.63 -0.55 2.18
CA ILE A 147 -9.11 0.55 2.99
C ILE A 147 -10.11 1.71 3.23
N GLN A 148 -10.79 2.16 2.19
CA GLN A 148 -11.71 3.31 2.32
C GLN A 148 -12.91 2.98 3.20
N LEU A 149 -13.34 1.74 3.17
CA LEU A 149 -14.39 1.25 4.06
C LEU A 149 -13.91 1.20 5.52
N ALA A 150 -12.70 0.71 5.75
CA ALA A 150 -12.13 0.72 7.10
C ALA A 150 -12.08 2.15 7.65
N LEU A 151 -11.67 3.10 6.82
CA LEU A 151 -11.62 4.51 7.21
C LEU A 151 -13.01 5.11 7.48
N GLY A 152 -13.99 4.76 6.65
CA GLY A 152 -15.39 5.16 6.89
C GLY A 152 -15.89 4.68 8.24
N LEU A 153 -15.51 3.46 8.62
CA LEU A 153 -15.92 2.84 9.88
C LEU A 153 -15.22 3.48 11.07
N VAL A 154 -13.97 3.90 10.90
CA VAL A 154 -13.29 4.68 11.93
C VAL A 154 -14.09 5.94 12.23
N ALA A 155 -14.51 6.64 11.17
CA ALA A 155 -15.30 7.89 11.30
C ALA A 155 -16.70 7.66 11.85
N ALA A 156 -17.28 6.49 11.55
CA ALA A 156 -18.55 6.07 12.14
C ALA A 156 -18.41 5.64 13.60
N GLY A 157 -17.18 5.42 14.05
CA GLY A 157 -16.91 5.16 15.47
C GLY A 157 -16.65 3.70 15.84
N GLU A 158 -16.15 2.90 14.88
CA GLU A 158 -15.80 1.49 15.12
C GLU A 158 -14.30 1.24 15.38
N GLY A 159 -13.56 2.30 15.69
CA GLY A 159 -12.24 2.14 16.27
C GLY A 159 -11.17 2.86 15.51
N VAL A 160 -10.02 2.19 15.34
CA VAL A 160 -8.85 2.80 14.73
C VAL A 160 -8.34 1.90 13.62
N CYS A 161 -7.42 2.42 12.82
CA CYS A 161 -6.97 1.74 11.62
C CYS A 161 -5.63 2.27 11.20
N ILE A 162 -4.66 1.38 11.02
CA ILE A 162 -3.34 1.79 10.54
C ILE A 162 -3.36 1.75 9.01
N VAL A 163 -2.94 2.87 8.42
CA VAL A 163 -2.96 3.05 6.98
C VAL A 163 -1.63 3.68 6.52
N PRO A 164 -1.31 3.59 5.21
CA PRO A 164 -0.16 4.34 4.70
C PRO A 164 -0.46 5.84 4.70
N ALA A 165 0.58 6.65 4.69
CA ALA A 165 0.43 8.09 4.84
C ALA A 165 -0.44 8.71 3.75
N SER A 166 -0.35 8.17 2.53
CA SER A 166 -1.14 8.68 1.40
C SER A 166 -2.65 8.53 1.59
N ALA A 167 -3.05 7.67 2.52
CA ALA A 167 -4.46 7.49 2.88
C ALA A 167 -5.06 8.67 3.65
N MET A 168 -4.18 9.53 4.17
CA MET A 168 -4.55 10.81 4.79
C MET A 168 -5.48 11.67 3.96
N ASP A 169 -5.42 11.52 2.65
CA ASP A 169 -6.24 12.34 1.76
C ASP A 169 -7.46 11.61 1.20
N ILE A 170 -7.74 10.41 1.71
CA ILE A 170 -9.01 9.75 1.42
C ILE A 170 -10.08 10.63 2.07
N GLY A 171 -11.14 10.89 1.33
CA GLY A 171 -12.10 11.94 1.71
C GLY A 171 -13.07 11.68 2.85
N VAL A 172 -12.73 10.76 3.74
CA VAL A 172 -13.55 10.51 4.93
C VAL A 172 -13.29 11.62 5.97
N LYS A 173 -14.37 12.25 6.43
CA LYS A 173 -14.27 13.39 7.33
C LYS A 173 -14.02 13.00 8.77
N ASN A 174 -13.45 13.94 9.52
CA ASN A 174 -13.35 13.91 10.98
C ASN A 174 -12.38 12.87 11.51
N LEU A 175 -11.39 12.56 10.70
CA LEU A 175 -10.32 11.66 11.11
C LEU A 175 -9.05 12.48 11.37
N LEU A 176 -8.24 11.99 12.31
CA LEU A 176 -6.85 12.43 12.43
C LEU A 176 -5.94 11.27 12.05
N TYR A 177 -4.81 11.59 11.44
CA TYR A 177 -3.81 10.60 11.06
C TYR A 177 -2.53 10.85 11.85
N ILE A 178 -2.27 9.94 12.79
CA ILE A 178 -1.26 10.14 13.82
C ILE A 178 -0.02 9.29 13.49
N PRO A 179 1.19 9.88 13.58
CA PRO A 179 2.42 9.12 13.37
C PRO A 179 2.52 7.88 14.24
N ILE A 180 3.10 6.82 13.68
CA ILE A 180 3.44 5.64 14.44
C ILE A 180 4.95 5.69 14.65
N LEU A 181 5.35 5.76 15.91
CA LEU A 181 6.73 6.07 16.28
C LEU A 181 7.69 4.87 16.25
N ASP A 182 7.16 3.66 16.20
CA ASP A 182 8.01 2.47 16.18
C ASP A 182 8.82 2.42 14.89
N ASP A 183 10.01 1.83 14.95
CA ASP A 183 10.94 1.84 13.81
C ASP A 183 10.46 1.10 12.57
N ASP A 184 9.74 -0.01 12.73
CA ASP A 184 9.35 -0.82 11.56
C ASP A 184 8.07 -0.36 10.86
N ALA A 185 7.58 0.84 11.22
CA ALA A 185 6.25 1.31 10.80
C ALA A 185 6.26 1.97 9.42
N TYR A 186 6.57 1.16 8.42
CA TYR A 186 6.53 1.59 7.03
C TYR A 186 5.87 0.54 6.16
N SER A 187 5.31 0.97 5.03
CA SER A 187 4.78 0.05 4.04
C SER A 187 5.52 0.27 2.72
N PRO A 188 6.36 -0.69 2.33
CA PRO A 188 7.10 -0.55 1.10
C PRO A 188 6.22 -0.76 -0.11
N ILE A 189 6.32 0.15 -1.08
CA ILE A 189 5.64 -0.03 -2.36
C ILE A 189 6.63 -0.66 -3.32
N SER A 190 6.24 -1.74 -4.00
CA SER A 190 7.13 -2.39 -4.95
C SER A 190 6.42 -2.80 -6.24
N LEU A 191 7.24 -2.92 -7.29
CA LEU A 191 6.83 -3.45 -8.58
C LEU A 191 7.34 -4.88 -8.72
N ALA A 192 6.43 -5.82 -8.94
CA ALA A 192 6.79 -7.20 -9.21
C ALA A 192 6.69 -7.52 -10.70
N VAL A 193 7.71 -8.19 -11.23
CA VAL A 193 7.71 -8.65 -12.61
C VAL A 193 8.24 -10.08 -12.69
N ARG A 194 7.87 -10.80 -13.73
CA ARG A 194 8.45 -12.11 -14.02
C ARG A 194 9.96 -11.93 -14.21
N ASN A 195 10.75 -12.78 -13.57
CA ASN A 195 12.20 -12.66 -13.64
C ASN A 195 12.79 -12.63 -15.05
N MET A 196 12.26 -13.44 -15.96
CA MET A 196 12.79 -13.52 -17.33
C MET A 196 11.94 -12.75 -18.35
N ASP A 197 11.19 -11.74 -17.88
CA ASP A 197 10.45 -10.84 -18.76
C ASP A 197 11.36 -9.70 -19.20
N HIS A 198 11.64 -9.63 -20.50
CA HIS A 198 12.55 -8.62 -21.04
C HIS A 198 11.83 -7.54 -21.86
N SER A 199 10.52 -7.44 -21.72
CA SER A 199 9.74 -6.42 -22.43
C SER A 199 10.15 -5.03 -22.01
N ASN A 200 10.13 -4.10 -22.95
CA ASN A 200 10.55 -2.73 -22.67
C ASN A 200 9.54 -1.91 -21.86
N TYR A 201 8.34 -2.45 -21.62
CA TYR A 201 7.40 -1.77 -20.74
C TYR A 201 7.93 -1.70 -19.30
N ILE A 202 8.85 -2.60 -18.93
CA ILE A 202 9.46 -2.56 -17.61
C ILE A 202 10.39 -1.36 -17.46
N PRO A 203 11.46 -1.27 -18.28
CA PRO A 203 12.24 -0.02 -18.22
C PRO A 203 11.43 1.25 -18.48
N LYS A 204 10.40 1.16 -19.32
CA LYS A 204 9.54 2.31 -19.57
C LYS A 204 8.71 2.69 -18.34
N ILE A 205 8.08 1.73 -17.69
CA ILE A 205 7.29 2.07 -16.52
C ILE A 205 8.19 2.59 -15.38
N LEU A 206 9.40 2.02 -15.25
CA LEU A 206 10.37 2.45 -14.24
C LEU A 206 10.86 3.88 -14.46
N ALA A 207 11.02 4.28 -15.72
CA ALA A 207 11.41 5.65 -16.07
C ALA A 207 10.28 6.62 -15.71
N CYS A 208 9.05 6.22 -16.00
CA CYS A 208 7.88 6.96 -15.54
C CYS A 208 7.86 7.10 -14.01
N VAL A 209 8.18 6.01 -13.30
CA VAL A 209 8.25 6.04 -11.85
C VAL A 209 9.24 7.11 -11.40
N GLN A 210 10.44 7.09 -11.98
CA GLN A 210 11.51 8.01 -11.54
C GLN A 210 11.15 9.45 -11.85
N GLU A 211 10.52 9.66 -13.00
CA GLU A 211 10.08 10.99 -13.40
C GLU A 211 9.03 11.54 -12.42
N VAL A 212 8.03 10.73 -12.09
CA VAL A 212 6.95 11.16 -11.21
C VAL A 212 7.47 11.36 -9.78
N PHE A 213 8.29 10.44 -9.30
CA PHE A 213 8.95 10.58 -7.99
C PHE A 213 9.77 11.86 -7.93
N ALA A 214 10.57 12.10 -8.98
CA ALA A 214 11.35 13.34 -9.07
C ALA A 214 10.48 14.58 -8.95
N THR A 215 9.36 14.61 -9.66
CA THR A 215 8.42 15.73 -9.58
C THR A 215 7.97 15.99 -8.14
N HIS A 216 7.84 14.93 -7.36
CA HIS A 216 7.37 15.03 -5.97
C HIS A 216 8.47 15.01 -4.93
N HIS A 217 9.71 15.23 -5.38
CA HIS A 217 10.88 15.28 -4.52
C HIS A 217 11.08 13.96 -3.74
N ILE A 218 10.73 12.85 -4.39
CA ILE A 218 10.94 11.53 -3.82
C ILE A 218 12.09 10.87 -4.57
N ARG A 219 13.03 10.32 -3.83
CA ARG A 219 14.10 9.55 -4.44
C ARG A 219 13.69 8.09 -4.41
N PRO A 220 13.59 7.45 -5.59
CA PRO A 220 13.30 6.03 -5.57
C PRO A 220 14.39 5.27 -4.82
N LEU A 221 13.99 4.22 -4.11
CA LEU A 221 14.93 3.37 -3.38
C LEU A 221 15.91 2.70 -4.33
N ILE A 222 15.47 2.48 -5.57
CA ILE A 222 16.31 1.94 -6.65
C ILE A 222 16.74 3.08 -7.58
N GLU A 223 18.02 3.11 -7.94
CA GLU A 223 18.50 4.04 -8.95
C GLU A 223 18.31 3.45 -10.36
N SER A 224 17.89 4.31 -11.29
CA SER A 224 17.64 3.90 -12.68
C SER A 224 18.92 3.44 -13.39
#